data_2X14
#
_entry.id   2X14
#
_cell.length_a   39.340
_cell.length_b   91.630
_cell.length_c   108.480
_cell.angle_alpha   90.00
_cell.angle_beta   90.00
_cell.angle_gamma   90.00
#
_symmetry.space_group_name_H-M   'P 21 21 21'
#
loop_
_entity.id
_entity.type
_entity.pdbx_description
1 polymer 'PHOSPHOGLYCERATE KINASE 1'
2 non-polymer 'MAGNESIUM ION'
3 non-polymer '3-PHOSPHOGLYCERIC ACID'
4 non-polymer 'PHOSPHOMETHYLPHOSPHONIC ACID ADENYLATE ESTER'
5 water water
#
_entity_poly.entity_id   1
_entity_poly.type   'polypeptide(L)'
_entity_poly.pdbx_seq_one_letter_code
;SLSNKLTLDKLDVKGKRVVMRVDFNVPMKNNQITNNQRIKAAVPSIKFCLDNGAKSVVLMSHLGRPDGVPMPDKYSLEPV
AVELKSLLGKDVLFLKDCVGPEVEKACANPAAGSVILLENLRFHVEEEGKGKDASGNKVKAEPAKIEAFRASLSKLGDVY
VNDAFGTAHRAHSSMVGVNLPQKAGGFLMKKELNYFAKALESPERPFLAILGGAKVADAIQLINNMLDKVNEMIIGGGMA
FTFLKVLNNMEIGTSLFDEEGAKIVKDLMSKAEKNGVKITLPVDFVTADKFDENAKTGQATVASGIPAGWMGLDCGPESS
KKYAEAVTRAKQIVWNGPVGVFEWEAFARGTKALMDEVVKATSRGCITIIGGGDTATCCAKWNTEDKVSHVSTGGGASLE
LLEGKVLPGVDALSNI
;
_entity_poly.pdbx_strand_id   A
#
loop_
_chem_comp.id
_chem_comp.type
_chem_comp.name
_chem_comp.formula
3PG non-polymer '3-PHOSPHOGLYCERIC ACID' 'C3 H7 O7 P'
ACP non-polymer 'PHOSPHOMETHYLPHOSPHONIC ACID ADENYLATE ESTER' 'C11 H18 N5 O12 P3'
MG non-polymer 'MAGNESIUM ION' 'Mg 2'
#
# COMPACT_ATOMS: atom_id res chain seq x y z
N LEU A 2 -10.50 -12.52 11.55
CA LEU A 2 -11.66 -12.90 10.70
C LEU A 2 -12.39 -14.04 11.38
N SER A 3 -12.14 -14.20 12.67
CA SER A 3 -12.73 -15.30 13.43
C SER A 3 -14.26 -15.16 13.49
N ASN A 4 -14.74 -13.93 13.42
CA ASN A 4 -16.18 -13.64 13.38
C ASN A 4 -16.75 -13.44 11.96
N LYS A 5 -15.90 -13.53 10.92
CA LYS A 5 -16.34 -13.20 9.57
C LYS A 5 -16.40 -14.42 8.64
N LEU A 6 -17.22 -14.33 7.60
CA LEU A 6 -17.26 -15.32 6.55
C LEU A 6 -15.93 -15.24 5.83
N THR A 7 -15.33 -16.39 5.57
CA THR A 7 -14.12 -16.43 4.72
C THR A 7 -14.31 -17.43 3.57
N LEU A 8 -13.45 -17.32 2.57
CA LEU A 8 -13.63 -18.03 1.30
C LEU A 8 -13.69 -19.54 1.46
N ASP A 9 -12.99 -20.06 2.45
CA ASP A 9 -13.00 -21.49 2.71
C ASP A 9 -14.39 -22.01 3.16
N LYS A 10 -15.27 -21.10 3.59
CA LYS A 10 -16.63 -21.54 3.97
C LYS A 10 -17.67 -20.99 3.01
N LEU A 11 -17.24 -20.42 1.87
CA LEU A 11 -18.18 -19.85 0.91
C LEU A 11 -18.48 -20.87 -0.17
N ASP A 12 -19.74 -21.25 -0.36
CA ASP A 12 -20.11 -22.12 -1.51
C ASP A 12 -20.08 -21.29 -2.81
N VAL A 13 -19.16 -21.63 -3.71
CA VAL A 13 -19.00 -20.90 -4.99
C VAL A 13 -19.41 -21.73 -6.20
N LYS A 14 -19.78 -22.99 -6.00
CA LYS A 14 -20.12 -23.85 -7.13
C LYS A 14 -21.31 -23.25 -7.88
N GLY A 15 -21.16 -23.05 -9.18
CA GLY A 15 -22.22 -22.46 -10.01
C GLY A 15 -22.49 -20.97 -9.77
N LYS A 16 -21.73 -20.35 -8.88
CA LYS A 16 -21.92 -18.94 -8.58
C LYS A 16 -20.97 -18.08 -9.37
N ARG A 17 -21.43 -16.88 -9.73
CA ARG A 17 -20.55 -15.83 -10.23
C ARG A 17 -19.90 -15.12 -9.03
N VAL A 18 -18.59 -15.03 -9.00
CA VAL A 18 -17.88 -14.37 -7.89
C VAL A 18 -17.34 -13.03 -8.32
N VAL A 19 -17.76 -11.97 -7.65
CA VAL A 19 -17.15 -10.67 -7.87
C VAL A 19 -16.15 -10.42 -6.72
N MET A 20 -14.90 -10.15 -7.07
CA MET A 20 -13.78 -10.14 -6.10
C MET A 20 -12.99 -8.85 -6.17
N ARG A 21 -13.05 -8.04 -5.11
CA ARG A 21 -12.12 -6.92 -4.91
C ARG A 21 -10.71 -7.44 -4.58
N VAL A 22 -9.75 -7.01 -5.38
CA VAL A 22 -8.37 -7.33 -5.19
C VAL A 22 -7.60 -6.02 -5.19
N ASP A 23 -6.41 -6.03 -4.59
CA ASP A 23 -5.48 -4.95 -4.72
C ASP A 23 -4.49 -5.26 -5.86
N PHE A 24 -4.79 -4.73 -7.04
CA PHE A 24 -3.87 -4.80 -8.20
C PHE A 24 -3.20 -3.45 -8.51
N ASN A 25 -2.99 -2.64 -7.46
CA ASN A 25 -2.36 -1.34 -7.56
C ASN A 25 -0.86 -1.56 -7.57
N VAL A 26 -0.37 -2.10 -8.68
CA VAL A 26 1.02 -2.50 -8.83
C VAL A 26 1.87 -1.34 -9.28
N PRO A 27 3.14 -1.29 -8.85
CA PRO A 27 3.97 -0.20 -9.35
C PRO A 27 4.28 -0.40 -10.82
N MET A 28 4.40 0.72 -11.51
CA MET A 28 4.66 0.78 -12.95
C MET A 28 5.76 1.81 -13.17
N LYS A 29 6.85 1.41 -13.83
CA LYS A 29 7.93 2.31 -14.24
C LYS A 29 7.90 2.32 -15.76
N ASN A 30 8.03 3.50 -16.35
CA ASN A 30 7.53 3.71 -17.71
C ASN A 30 6.10 3.14 -17.80
N ASN A 31 5.87 2.15 -18.65
CA ASN A 31 4.53 1.67 -18.96
C ASN A 31 4.24 0.24 -18.50
N GLN A 32 5.27 -0.45 -18.02
CA GLN A 32 5.11 -1.83 -17.61
C GLN A 32 5.17 -2.02 -16.09
N ILE A 33 4.79 -3.22 -15.66
CA ILE A 33 4.70 -3.57 -14.26
C ILE A 33 6.11 -3.79 -13.73
N THR A 34 6.47 -3.16 -12.61
CA THR A 34 7.81 -3.37 -12.04
C THR A 34 7.81 -4.48 -11.02
N ASN A 35 6.65 -4.79 -10.47
CA ASN A 35 6.54 -5.82 -9.48
C ASN A 35 5.15 -6.46 -9.52
N ASN A 36 5.10 -7.75 -9.81
CA ASN A 36 3.83 -8.46 -9.86
C ASN A 36 3.36 -9.06 -8.53
N GLN A 37 4.06 -8.73 -7.42
CA GLN A 37 3.78 -9.33 -6.09
C GLN A 37 2.29 -9.32 -5.76
N ARG A 38 1.66 -8.16 -5.93
CA ARG A 38 0.27 -8.01 -5.52
C ARG A 38 -0.70 -8.85 -6.38
N ILE A 39 -0.32 -9.11 -7.62
CA ILE A 39 -1.12 -9.94 -8.51
C ILE A 39 -0.92 -11.41 -8.14
N LYS A 40 0.34 -11.88 -8.06
CA LYS A 40 0.64 -13.24 -7.54
C LYS A 40 -0.10 -13.56 -6.23
N ALA A 41 -0.12 -12.59 -5.34
CA ALA A 41 -0.71 -12.75 -3.99
C ALA A 41 -2.22 -13.08 -4.01
N ALA A 42 -2.93 -12.67 -5.05
CA ALA A 42 -4.37 -12.96 -5.14
C ALA A 42 -4.66 -14.30 -5.82
N VAL A 43 -3.65 -14.94 -6.40
CA VAL A 43 -3.88 -16.13 -7.22
C VAL A 43 -4.50 -17.29 -6.42
N PRO A 44 -4.05 -17.51 -5.17
CA PRO A 44 -4.63 -18.65 -4.42
C PRO A 44 -6.17 -18.56 -4.26
N SER A 45 -6.70 -17.37 -3.96
CA SER A 45 -8.14 -17.19 -3.89
C SER A 45 -8.84 -17.37 -5.24
N ILE A 46 -8.28 -16.76 -6.29
CA ILE A 46 -8.83 -16.91 -7.65
C ILE A 46 -8.88 -18.37 -8.11
N LYS A 47 -7.74 -19.06 -8.08
CA LYS A 47 -7.69 -20.50 -8.39
C LYS A 47 -8.67 -21.28 -7.52
N PHE A 48 -8.74 -20.98 -6.23
CA PHE A 48 -9.70 -21.68 -5.34
C PHE A 48 -11.12 -21.60 -5.92
N CYS A 49 -11.53 -20.40 -6.29
CA CYS A 49 -12.88 -20.22 -6.83
C CYS A 49 -13.09 -21.04 -8.08
N LEU A 50 -12.12 -21.02 -9.01
CA LEU A 50 -12.21 -21.80 -10.26
C LEU A 50 -12.18 -23.29 -10.01
N ASP A 51 -11.25 -23.76 -9.18
CA ASP A 51 -11.17 -25.19 -8.84
C ASP A 51 -12.43 -25.71 -8.14
N ASN A 52 -13.14 -24.86 -7.43
CA ASN A 52 -14.34 -25.30 -6.74
C ASN A 52 -15.65 -24.96 -7.47
N GLY A 53 -15.58 -24.79 -8.77
CA GLY A 53 -16.79 -24.69 -9.62
C GLY A 53 -17.41 -23.31 -9.81
N ALA A 54 -16.68 -22.25 -9.54
CA ALA A 54 -17.20 -20.89 -9.79
C ALA A 54 -17.53 -20.77 -11.28
N LYS A 55 -18.70 -20.20 -11.59
CA LYS A 55 -19.09 -19.96 -12.97
C LYS A 55 -18.15 -18.92 -13.58
N SER A 56 -17.91 -17.87 -12.79
CA SER A 56 -17.00 -16.80 -13.17
C SER A 56 -16.29 -16.18 -11.95
N VAL A 57 -15.20 -15.46 -12.25
CA VAL A 57 -14.56 -14.59 -11.28
C VAL A 57 -14.37 -13.21 -11.94
N VAL A 58 -15.04 -12.21 -11.39
CA VAL A 58 -14.87 -10.81 -11.85
C VAL A 58 -13.97 -10.09 -10.86
N LEU A 59 -12.87 -9.55 -11.37
CA LEU A 59 -11.85 -8.93 -10.55
C LEU A 59 -11.95 -7.41 -10.73
N MET A 60 -11.85 -6.68 -9.63
CA MET A 60 -11.87 -5.21 -9.69
C MET A 60 -10.85 -4.64 -8.73
N SER A 61 -10.21 -3.56 -9.15
CA SER A 61 -9.22 -2.92 -8.37
C SER A 61 -9.12 -1.45 -8.84
N HIS A 62 -8.42 -0.66 -8.07
CA HIS A 62 -7.94 0.65 -8.52
C HIS A 62 -6.47 0.47 -8.95
N LEU A 63 -5.95 1.50 -9.63
CA LEU A 63 -4.54 1.63 -9.91
C LEU A 63 -4.24 3.11 -9.81
N GLY A 64 -3.33 3.48 -8.92
CA GLY A 64 -2.92 4.85 -8.78
C GLY A 64 -3.99 5.73 -8.19
N ARG A 65 -3.88 7.02 -8.44
CA ARG A 65 -4.88 7.95 -7.96
C ARG A 65 -5.35 8.86 -9.10
N PRO A 66 -6.18 8.31 -10.03
CA PRO A 66 -6.67 9.13 -11.15
C PRO A 66 -7.75 10.13 -10.74
N ASP A 67 -8.25 10.01 -9.51
CA ASP A 67 -9.15 10.99 -8.91
C ASP A 67 -10.44 11.20 -9.69
N GLY A 68 -11.08 10.10 -10.09
CA GLY A 68 -12.44 10.13 -10.61
C GLY A 68 -12.61 10.47 -12.08
N VAL A 69 -11.50 10.63 -12.80
CA VAL A 69 -11.57 10.91 -14.23
C VAL A 69 -10.95 9.70 -14.91
N PRO A 70 -11.57 9.21 -16.01
CA PRO A 70 -10.93 8.17 -16.82
C PRO A 70 -9.56 8.62 -17.27
N MET A 71 -8.53 7.81 -17.02
CA MET A 71 -7.18 8.16 -17.48
C MET A 71 -6.53 6.91 -18.02
N PRO A 72 -7.12 6.35 -19.10
CA PRO A 72 -6.67 5.04 -19.57
C PRO A 72 -5.29 5.11 -20.19
N ASP A 73 -4.89 6.31 -20.63
CA ASP A 73 -3.54 6.54 -21.10
C ASP A 73 -2.49 6.28 -20.02
N LYS A 74 -2.79 6.65 -18.77
CA LYS A 74 -1.80 6.56 -17.67
C LYS A 74 -2.07 5.47 -16.64
N TYR A 75 -3.33 5.17 -16.36
CA TYR A 75 -3.68 4.32 -15.25
C TYR A 75 -4.60 3.15 -15.59
N SER A 76 -4.44 2.57 -16.79
CA SER A 76 -5.26 1.42 -17.17
C SER A 76 -4.76 0.12 -16.52
N LEU A 77 -5.70 -0.71 -16.11
CA LEU A 77 -5.36 -2.04 -15.59
C LEU A 77 -5.07 -3.08 -16.70
N GLU A 78 -5.11 -2.69 -17.96
CA GLU A 78 -4.97 -3.66 -19.07
C GLU A 78 -3.70 -4.50 -18.98
N PRO A 79 -2.54 -3.90 -18.65
CA PRO A 79 -1.32 -4.71 -18.50
C PRO A 79 -1.40 -5.77 -17.40
N VAL A 80 -2.16 -5.48 -16.36
CA VAL A 80 -2.38 -6.44 -15.28
C VAL A 80 -3.10 -7.70 -15.79
N ALA A 81 -4.13 -7.50 -16.60
CA ALA A 81 -4.80 -8.62 -17.29
C ALA A 81 -3.78 -9.54 -17.95
N VAL A 82 -2.82 -8.96 -18.68
CA VAL A 82 -1.83 -9.75 -19.38
C VAL A 82 -0.98 -10.55 -18.38
N GLU A 83 -0.54 -9.89 -17.32
CA GLU A 83 0.24 -10.54 -16.25
C GLU A 83 -0.52 -11.68 -15.62
N LEU A 84 -1.76 -11.41 -15.28
CA LEU A 84 -2.58 -12.38 -14.57
C LEU A 84 -2.75 -13.67 -15.40
N LYS A 85 -2.70 -13.54 -16.72
CA LYS A 85 -2.80 -14.73 -17.60
C LYS A 85 -1.66 -15.74 -17.37
N SER A 86 -0.41 -15.29 -17.41
CA SER A 86 0.70 -16.20 -17.21
C SER A 86 0.77 -16.75 -15.79
N LEU A 87 0.36 -15.94 -14.81
CA LEU A 87 0.38 -16.36 -13.41
C LEU A 87 -0.67 -17.42 -13.08
N LEU A 88 -1.77 -17.44 -13.83
CA LEU A 88 -2.91 -18.33 -13.52
C LEU A 88 -2.85 -19.64 -14.27
N GLY A 89 -2.34 -19.60 -15.49
CA GLY A 89 -2.50 -20.71 -16.44
C GLY A 89 -3.82 -20.66 -17.22
N LYS A 90 -4.49 -19.49 -17.20
CA LYS A 90 -5.83 -19.33 -17.82
C LYS A 90 -5.96 -17.91 -18.36
N ASP A 91 -6.70 -17.73 -19.45
CA ASP A 91 -6.82 -16.40 -20.06
C ASP A 91 -7.77 -15.52 -19.25
N VAL A 92 -7.65 -14.22 -19.39
CA VAL A 92 -8.55 -13.30 -18.68
C VAL A 92 -9.02 -12.24 -19.65
N LEU A 93 -10.28 -11.86 -19.50
CA LEU A 93 -10.92 -10.94 -20.41
C LEU A 93 -10.94 -9.58 -19.75
N PHE A 94 -10.37 -8.59 -20.42
CA PHE A 94 -10.32 -7.24 -19.88
C PHE A 94 -11.47 -6.41 -20.40
N LEU A 95 -12.24 -5.78 -19.50
CA LEU A 95 -13.21 -4.80 -19.93
C LEU A 95 -12.63 -3.38 -19.79
N LYS A 96 -13.06 -2.45 -20.62
CA LYS A 96 -12.54 -1.08 -20.59
C LYS A 96 -13.35 -0.19 -19.65
N ASP A 97 -14.22 -0.79 -18.85
CA ASP A 97 -14.90 -0.07 -17.80
C ASP A 97 -15.19 -1.07 -16.68
N CYS A 98 -15.79 -0.57 -15.61
CA CYS A 98 -16.17 -1.39 -14.46
C CYS A 98 -17.67 -1.38 -14.14
N VAL A 99 -18.41 -0.50 -14.82
CA VAL A 99 -19.87 -0.31 -14.71
C VAL A 99 -20.27 0.29 -16.07
N GLY A 100 -21.54 0.42 -16.51
CA GLY A 100 -22.73 -0.31 -16.12
C GLY A 100 -23.17 -1.19 -17.29
N PRO A 101 -24.07 -0.71 -18.19
CA PRO A 101 -24.79 -1.67 -19.08
C PRO A 101 -23.91 -2.68 -19.84
N GLU A 102 -22.86 -2.19 -20.51
CA GLU A 102 -21.99 -3.07 -21.30
C GLU A 102 -21.17 -4.02 -20.42
N VAL A 103 -20.65 -3.56 -19.29
CA VAL A 103 -19.94 -4.45 -18.34
C VAL A 103 -20.91 -5.46 -17.71
N GLU A 104 -22.05 -4.95 -17.24
CA GLU A 104 -23.11 -5.82 -16.69
C GLU A 104 -23.49 -6.93 -17.64
N LYS A 105 -23.52 -6.62 -18.93
CA LYS A 105 -23.80 -7.61 -19.95
C LYS A 105 -22.69 -8.66 -20.06
N ALA A 106 -21.43 -8.23 -20.10
CA ALA A 106 -20.31 -9.16 -20.18
C ALA A 106 -20.24 -10.07 -18.95
N CYS A 107 -20.76 -9.59 -17.81
CA CYS A 107 -20.73 -10.35 -16.56
C CYS A 107 -22.01 -11.10 -16.18
N ALA A 108 -23.11 -10.84 -16.90
CA ALA A 108 -24.41 -11.38 -16.55
C ALA A 108 -24.45 -12.91 -16.54
N ASN A 109 -23.86 -13.54 -17.55
CA ASN A 109 -24.01 -14.98 -17.74
C ASN A 109 -22.81 -15.52 -18.52
N PRO A 110 -21.61 -15.49 -17.93
CA PRO A 110 -20.43 -15.82 -18.73
C PRO A 110 -20.27 -17.33 -18.94
N ALA A 111 -19.49 -17.73 -19.95
CA ALA A 111 -19.11 -19.14 -20.09
C ALA A 111 -18.50 -19.64 -18.78
N ALA A 112 -18.74 -20.90 -18.47
CA ALA A 112 -18.13 -21.56 -17.30
C ALA A 112 -16.61 -21.34 -17.21
N GLY A 113 -16.13 -20.91 -16.04
CA GLY A 113 -14.69 -20.77 -15.79
C GLY A 113 -14.12 -19.43 -16.20
N SER A 114 -15.00 -18.49 -16.56
CA SER A 114 -14.59 -17.17 -17.07
C SER A 114 -13.88 -16.32 -16.01
N VAL A 115 -12.71 -15.78 -16.36
CA VAL A 115 -12.02 -14.82 -15.49
C VAL A 115 -12.02 -13.46 -16.19
N ILE A 116 -12.58 -12.47 -15.52
CA ILE A 116 -12.77 -11.14 -16.11
C ILE A 116 -12.10 -10.11 -15.23
N LEU A 117 -11.31 -9.21 -15.81
CA LEU A 117 -10.75 -8.05 -15.08
C LEU A 117 -11.38 -6.76 -15.56
N LEU A 118 -12.01 -6.02 -14.66
CA LEU A 118 -12.58 -4.69 -14.97
C LEU A 118 -11.54 -3.60 -15.00
N GLU A 119 -11.90 -2.45 -15.57
CA GLU A 119 -10.98 -1.32 -15.63
C GLU A 119 -10.93 -0.64 -14.26
N ASN A 120 -9.88 0.17 -14.06
CA ASN A 120 -9.66 1.01 -12.86
C ASN A 120 -10.94 1.62 -12.26
N LEU A 121 -11.30 1.18 -11.05
CA LEU A 121 -12.49 1.68 -10.34
C LEU A 121 -12.37 3.20 -10.08
N ARG A 122 -11.17 3.71 -9.92
CA ARG A 122 -11.02 5.16 -9.63
C ARG A 122 -11.16 6.07 -10.83
N PHE A 123 -11.39 5.50 -12.01
CA PHE A 123 -11.83 6.30 -13.15
C PHE A 123 -13.20 6.93 -12.93
N HIS A 124 -13.93 6.42 -11.95
CA HIS A 124 -15.24 6.96 -11.56
C HIS A 124 -15.10 7.65 -10.20
N VAL A 125 -15.66 8.85 -10.07
CA VAL A 125 -15.60 9.54 -8.79
C VAL A 125 -16.32 8.79 -7.67
N GLU A 126 -17.24 7.90 -7.99
CA GLU A 126 -18.08 7.26 -6.98
C GLU A 126 -17.33 6.18 -6.17
N GLU A 127 -16.20 5.69 -6.66
CA GLU A 127 -15.42 4.69 -5.93
C GLU A 127 -14.91 5.32 -4.62
N GLU A 128 -14.22 6.46 -4.74
CA GLU A 128 -13.62 7.13 -3.59
C GLU A 128 -14.55 7.79 -2.57
N GLY A 129 -15.69 8.41 -2.86
CA GLY A 129 -16.02 9.07 -4.07
C GLY A 129 -15.93 10.56 -3.78
N LYS A 130 -14.75 11.09 -4.05
CA LYS A 130 -14.52 12.50 -4.15
C LYS A 130 -13.43 12.52 -5.19
N GLY A 131 -13.01 13.73 -5.60
CA GLY A 131 -11.76 13.95 -6.36
C GLY A 131 -11.92 14.87 -7.55
N GLU A 142 -21.86 12.82 -3.98
CA GLU A 142 -22.66 12.47 -5.17
C GLU A 142 -23.62 11.29 -4.84
N PRO A 143 -24.41 11.42 -3.76
CA PRO A 143 -25.06 10.28 -3.08
C PRO A 143 -25.82 9.29 -3.96
N ALA A 144 -26.75 9.76 -4.79
CA ALA A 144 -27.52 8.83 -5.62
C ALA A 144 -26.65 8.09 -6.63
N LYS A 145 -25.62 8.75 -7.16
CA LYS A 145 -24.70 8.11 -8.11
C LYS A 145 -23.80 7.09 -7.44
N ILE A 146 -23.42 7.37 -6.20
CA ILE A 146 -22.63 6.44 -5.40
C ILE A 146 -23.43 5.12 -5.18
N GLU A 147 -24.67 5.26 -4.72
CA GLU A 147 -25.59 4.12 -4.54
C GLU A 147 -25.75 3.33 -5.85
N ALA A 148 -25.89 4.05 -6.96
CA ALA A 148 -26.05 3.43 -8.28
C ALA A 148 -24.77 2.73 -8.73
N PHE A 149 -23.62 3.35 -8.45
CA PHE A 149 -22.32 2.77 -8.77
C PHE A 149 -22.16 1.45 -8.03
N ARG A 150 -22.52 1.48 -6.75
CA ARG A 150 -22.47 0.29 -5.90
C ARG A 150 -23.41 -0.80 -6.38
N ALA A 151 -24.63 -0.40 -6.74
CA ALA A 151 -25.65 -1.32 -7.29
C ALA A 151 -25.14 -2.02 -8.56
N SER A 152 -24.49 -1.26 -9.44
CA SER A 152 -23.89 -1.80 -10.66
C SER A 152 -22.84 -2.86 -10.39
N LEU A 153 -21.85 -2.53 -9.55
CA LEU A 153 -20.83 -3.51 -9.11
C LEU A 153 -21.46 -4.79 -8.55
N SER A 154 -22.53 -4.63 -7.77
CA SER A 154 -23.19 -5.76 -7.07
C SER A 154 -23.83 -6.80 -8.03
N LYS A 155 -24.24 -6.30 -9.20
CA LYS A 155 -24.84 -7.12 -10.25
C LYS A 155 -23.86 -8.06 -10.94
N LEU A 156 -22.57 -7.76 -10.83
CA LEU A 156 -21.52 -8.49 -11.56
C LEU A 156 -21.16 -9.88 -10.96
N GLY A 157 -21.60 -10.17 -9.73
CA GLY A 157 -21.46 -11.50 -9.18
C GLY A 157 -22.67 -11.84 -8.32
N ASP A 158 -22.78 -13.11 -7.99
CA ASP A 158 -23.80 -13.63 -7.06
C ASP A 158 -23.30 -13.65 -5.60
N VAL A 159 -21.99 -13.73 -5.46
CA VAL A 159 -21.28 -13.69 -4.17
C VAL A 159 -20.05 -12.80 -4.30
N TYR A 160 -19.62 -12.21 -3.18
CA TYR A 160 -18.50 -11.25 -3.13
C TYR A 160 -17.38 -11.77 -2.25
N VAL A 161 -16.15 -11.61 -2.76
CA VAL A 161 -14.95 -11.87 -2.01
C VAL A 161 -14.11 -10.61 -1.98
N ASN A 162 -13.62 -10.26 -0.81
CA ASN A 162 -12.61 -9.19 -0.72
C ASN A 162 -11.27 -9.79 -0.35
N ASP A 163 -10.36 -9.81 -1.33
CA ASP A 163 -9.00 -10.22 -1.08
C ASP A 163 -8.01 -9.06 -1.14
N ALA A 164 -8.54 -7.85 -1.10
CA ALA A 164 -7.72 -6.64 -1.31
C ALA A 164 -7.13 -6.11 0.02
N PHE A 165 -6.26 -6.90 0.64
CA PHE A 165 -5.65 -6.47 1.90
C PHE A 165 -5.00 -5.08 1.79
N GLY A 166 -4.23 -4.89 0.71
CA GLY A 166 -3.58 -3.62 0.45
C GLY A 166 -4.47 -2.38 0.48
N THR A 167 -5.75 -2.56 0.22
CA THR A 167 -6.71 -1.45 0.16
C THR A 167 -7.68 -1.51 1.33
N ALA A 168 -7.53 -2.44 2.28
CA ALA A 168 -8.54 -2.68 3.30
C ALA A 168 -8.79 -1.50 4.27
N HIS A 169 -7.84 -0.58 4.36
CA HIS A 169 -8.00 0.67 5.11
C HIS A 169 -8.91 1.72 4.43
N ARG A 170 -9.28 1.47 3.17
CA ARG A 170 -10.10 2.44 2.41
C ARG A 170 -11.57 2.05 2.43
N ALA A 171 -12.43 2.88 3.01
CA ALA A 171 -13.89 2.62 2.99
C ALA A 171 -14.48 3.12 1.67
N HIS A 172 -14.05 2.54 0.57
CA HIS A 172 -14.44 2.96 -0.78
C HIS A 172 -15.54 2.01 -1.27
N SER A 173 -16.23 2.40 -2.34
CA SER A 173 -17.46 1.71 -2.77
C SER A 173 -17.26 0.21 -3.04
N SER A 174 -16.20 -0.14 -3.76
CA SER A 174 -15.88 -1.54 -4.07
C SER A 174 -15.42 -2.35 -2.87
N MET A 175 -15.05 -1.66 -1.79
CA MET A 175 -14.49 -2.29 -0.57
C MET A 175 -15.52 -2.45 0.54
N VAL A 176 -16.45 -1.50 0.67
CA VAL A 176 -17.47 -1.58 1.72
C VAL A 176 -18.93 -1.49 1.22
N GLY A 177 -19.16 -1.34 -0.09
CA GLY A 177 -20.47 -0.97 -0.59
C GLY A 177 -21.16 -1.98 -1.47
N VAL A 178 -20.56 -3.16 -1.66
CA VAL A 178 -21.19 -4.20 -2.47
C VAL A 178 -22.27 -4.85 -1.65
N ASN A 179 -23.49 -4.87 -2.18
CA ASN A 179 -24.66 -5.44 -1.52
C ASN A 179 -25.02 -6.80 -2.12
N LEU A 180 -24.42 -7.85 -1.58
CA LEU A 180 -24.78 -9.23 -1.90
C LEU A 180 -24.94 -9.95 -0.55
N PRO A 181 -25.72 -11.04 -0.48
CA PRO A 181 -25.93 -11.72 0.80
C PRO A 181 -24.67 -12.30 1.46
N GLN A 182 -23.71 -12.76 0.66
CA GLN A 182 -22.49 -13.35 1.16
C GLN A 182 -21.29 -12.54 0.71
N LYS A 183 -20.58 -12.01 1.71
CA LYS A 183 -19.37 -11.23 1.55
C LYS A 183 -18.26 -11.85 2.40
N ALA A 184 -17.26 -12.40 1.72
CA ALA A 184 -16.26 -13.21 2.37
C ALA A 184 -14.87 -12.64 2.17
N GLY A 185 -14.05 -12.82 3.18
CA GLY A 185 -12.66 -12.42 3.07
C GLY A 185 -11.93 -13.52 2.37
N GLY A 186 -11.01 -13.13 1.51
CA GLY A 186 -10.21 -14.10 0.78
C GLY A 186 -8.98 -14.56 1.54
N PHE A 187 -8.21 -15.44 0.91
CA PHE A 187 -7.11 -16.09 1.60
C PHE A 187 -5.92 -15.18 1.88
N LEU A 188 -5.73 -14.17 1.02
CA LEU A 188 -4.69 -13.18 1.27
C LEU A 188 -5.07 -12.25 2.44
N MET A 189 -6.31 -11.81 2.45
CA MET A 189 -6.83 -11.06 3.61
C MET A 189 -6.59 -11.85 4.90
N LYS A 190 -6.94 -13.14 4.89
CA LYS A 190 -6.72 -14.00 6.04
C LYS A 190 -5.22 -14.15 6.43
N LYS A 191 -4.39 -14.48 5.46
CA LYS A 191 -2.91 -14.60 5.68
C LYS A 191 -2.31 -13.35 6.31
N GLU A 192 -2.59 -12.20 5.69
CA GLU A 192 -2.06 -10.94 6.18
C GLU A 192 -2.62 -10.60 7.56
N LEU A 193 -3.93 -10.72 7.78
CA LEU A 193 -4.47 -10.43 9.14
C LEU A 193 -3.91 -11.36 10.22
N ASN A 194 -3.83 -12.66 9.94
CA ASN A 194 -3.22 -13.60 10.88
C ASN A 194 -1.74 -13.27 11.21
N TYR A 195 -0.96 -12.90 10.19
CA TYR A 195 0.42 -12.55 10.41
C TYR A 195 0.52 -11.35 11.33
N PHE A 196 -0.20 -10.27 11.03
CA PHE A 196 -0.18 -9.10 11.91
C PHE A 196 -0.75 -9.32 13.31
N ALA A 197 -1.79 -10.13 13.46
CA ALA A 197 -2.35 -10.36 14.80
C ALA A 197 -1.30 -11.00 15.72
N LYS A 198 -0.53 -11.95 15.20
CA LYS A 198 0.54 -12.59 15.95
C LYS A 198 1.71 -11.64 16.19
N ALA A 199 2.13 -10.92 15.17
CA ALA A 199 3.31 -10.08 15.27
C ALA A 199 3.08 -8.82 16.14
N LEU A 200 1.83 -8.36 16.21
CA LEU A 200 1.47 -7.15 16.95
C LEU A 200 0.91 -7.42 18.36
N GLU A 201 0.75 -8.70 18.72
CA GLU A 201 0.18 -9.07 20.02
C GLU A 201 1.13 -8.75 21.18
N SER A 202 2.40 -9.08 21.03
CA SER A 202 3.44 -8.71 22.01
C SER A 202 4.74 -8.46 21.27
N PRO A 203 4.85 -7.29 20.65
CA PRO A 203 6.02 -7.06 19.83
C PRO A 203 7.32 -7.19 20.63
N GLU A 204 8.37 -7.64 19.95
CA GLU A 204 9.70 -7.60 20.52
C GLU A 204 10.10 -6.15 20.61
N ARG A 205 10.79 -5.79 21.67
CA ARG A 205 11.13 -4.38 21.87
C ARG A 205 12.61 -4.18 22.09
N PRO A 206 13.13 -3.01 21.69
CA PRO A 206 12.45 -1.85 21.07
C PRO A 206 11.82 -2.17 19.75
N PHE A 207 10.64 -1.59 19.54
CA PHE A 207 9.84 -1.76 18.32
C PHE A 207 9.98 -0.46 17.52
N LEU A 208 10.66 -0.53 16.37
CA LEU A 208 10.94 0.61 15.50
C LEU A 208 9.95 0.64 14.32
N ALA A 209 9.31 1.79 14.10
CA ALA A 209 8.61 2.05 12.85
C ALA A 209 9.49 2.92 11.98
N ILE A 210 9.60 2.53 10.72
CA ILE A 210 10.31 3.30 9.70
C ILE A 210 9.28 3.80 8.71
N LEU A 211 9.12 5.12 8.65
CA LEU A 211 8.13 5.73 7.80
C LEU A 211 8.81 6.58 6.74
N GLY A 212 8.53 6.30 5.48
CA GLY A 212 9.03 7.12 4.37
C GLY A 212 7.95 7.32 3.31
N GLY A 213 8.35 7.28 2.04
CA GLY A 213 7.41 7.33 0.93
C GLY A 213 7.00 8.73 0.53
N ALA A 214 5.92 8.82 -0.22
CA ALA A 214 5.47 10.05 -0.79
C ALA A 214 4.02 10.36 -0.48
N LYS A 215 3.33 9.52 0.28
CA LYS A 215 1.91 9.76 0.61
C LYS A 215 1.87 10.49 1.94
N VAL A 216 2.39 11.70 1.95
CA VAL A 216 2.80 12.35 3.18
C VAL A 216 1.54 12.77 3.95
N ALA A 217 0.56 13.31 3.26
CA ALA A 217 -0.68 13.77 3.89
C ALA A 217 -1.31 12.62 4.69
N ASP A 218 -1.43 11.47 4.04
CA ASP A 218 -2.00 10.26 4.65
C ASP A 218 -1.12 9.75 5.81
N ALA A 219 0.18 9.62 5.57
CA ALA A 219 1.12 8.99 6.49
C ALA A 219 1.34 9.79 7.77
N ILE A 220 1.38 11.12 7.66
CA ILE A 220 1.57 11.95 8.86
C ILE A 220 0.38 11.83 9.82
N GLN A 221 -0.82 11.65 9.28
CA GLN A 221 -2.02 11.45 10.11
C GLN A 221 -2.04 10.10 10.85
N LEU A 222 -1.15 9.18 10.52
CA LEU A 222 -1.07 7.90 11.25
C LEU A 222 -0.12 7.93 12.47
N ILE A 223 0.64 9.01 12.61
CA ILE A 223 1.75 9.04 13.59
C ILE A 223 1.25 9.09 15.02
N ASN A 224 0.28 10.00 15.25
CA ASN A 224 -0.36 10.17 16.52
C ASN A 224 -0.60 8.84 17.20
N ASN A 225 -1.37 7.94 16.58
CA ASN A 225 -1.74 6.68 17.29
C ASN A 225 -0.59 5.66 17.28
N MET A 226 0.25 5.69 16.26
CA MET A 226 1.45 4.85 16.24
C MET A 226 2.42 5.12 17.41
N LEU A 227 2.42 6.36 17.90
CA LEU A 227 3.28 6.75 19.00
C LEU A 227 2.93 6.10 20.34
N ASP A 228 1.72 5.54 20.43
CA ASP A 228 1.30 4.76 21.60
C ASP A 228 1.68 3.28 21.50
N LYS A 229 2.28 2.87 20.37
CA LYS A 229 2.62 1.47 20.10
C LYS A 229 4.10 1.16 19.92
N VAL A 230 4.88 2.12 19.43
CA VAL A 230 6.28 1.89 19.11
C VAL A 230 7.21 2.60 20.12
N ASN A 231 8.46 2.16 20.16
CA ASN A 231 9.51 2.77 21.00
C ASN A 231 10.48 3.68 20.24
N GLU A 232 10.50 3.54 18.92
CA GLU A 232 11.31 4.39 18.07
C GLU A 232 10.62 4.63 16.73
N MET A 233 10.90 5.77 16.10
CA MET A 233 10.37 6.02 14.78
C MET A 233 11.40 6.75 13.92
N ILE A 234 11.70 6.19 12.76
CA ILE A 234 12.38 6.93 11.70
C ILE A 234 11.34 7.62 10.85
N ILE A 235 11.51 8.92 10.65
CA ILE A 235 10.63 9.68 9.76
C ILE A 235 11.52 10.11 8.61
N GLY A 236 11.40 9.40 7.49
CA GLY A 236 12.25 9.60 6.36
C GLY A 236 11.49 9.86 5.06
N GLY A 237 12.23 9.73 3.96
CA GLY A 237 11.69 9.90 2.63
C GLY A 237 11.08 11.26 2.48
N GLY A 238 9.98 11.31 1.75
CA GLY A 238 9.27 12.54 1.51
C GLY A 238 8.64 13.17 2.75
N MET A 239 8.40 12.40 3.81
CA MET A 239 7.72 12.94 5.00
C MET A 239 8.62 13.84 5.84
N ALA A 240 9.91 13.63 5.74
CA ALA A 240 10.85 14.27 6.65
C ALA A 240 10.81 15.80 6.47
N PHE A 241 10.53 16.26 5.26
CA PHE A 241 10.64 17.71 4.97
C PHE A 241 9.63 18.56 5.69
N THR A 242 8.44 18.05 5.84
CA THR A 242 7.43 18.73 6.65
C THR A 242 7.93 18.98 8.10
N PHE A 243 8.50 17.96 8.73
CA PHE A 243 9.03 18.05 10.10
C PHE A 243 10.24 18.97 10.17
N LEU A 244 11.19 18.84 9.25
CA LEU A 244 12.40 19.67 9.29
C LEU A 244 12.10 21.16 9.06
N LYS A 245 11.16 21.48 8.19
CA LYS A 245 10.78 22.89 7.97
C LYS A 245 10.20 23.54 9.24
N VAL A 246 9.31 22.82 9.91
CA VAL A 246 8.64 23.26 11.11
C VAL A 246 9.59 23.29 12.32
N LEU A 247 10.33 22.19 12.52
CA LEU A 247 11.16 22.04 13.71
C LEU A 247 12.49 22.79 13.61
N ASN A 248 13.11 22.76 12.43
CA ASN A 248 14.46 23.34 12.26
C ASN A 248 14.49 24.65 11.48
N ASN A 249 13.32 25.13 11.05
CA ASN A 249 13.22 26.22 10.08
C ASN A 249 14.12 26.03 8.86
N MET A 250 14.21 24.78 8.43
CA MET A 250 15.01 24.41 7.29
C MET A 250 14.32 24.82 5.98
N GLU A 251 15.13 25.37 5.08
CA GLU A 251 14.73 25.61 3.68
C GLU A 251 14.71 24.25 2.97
N ILE A 252 13.56 23.92 2.36
CA ILE A 252 13.35 22.60 1.76
C ILE A 252 13.17 22.66 0.24
N GLY A 253 13.34 23.84 -0.36
CA GLY A 253 13.13 24.04 -1.78
C GLY A 253 11.78 23.53 -2.27
N THR A 254 11.81 22.74 -3.34
CA THR A 254 10.59 22.18 -3.92
C THR A 254 10.28 20.75 -3.40
N SER A 255 10.85 20.37 -2.25
CA SER A 255 10.65 19.02 -1.68
C SER A 255 9.19 18.85 -1.26
N LEU A 256 8.71 17.59 -1.18
CA LEU A 256 7.32 17.34 -0.76
C LEU A 256 7.10 18.02 0.57
N PHE A 257 5.96 18.69 0.69
CA PHE A 257 5.57 19.38 1.93
C PHE A 257 4.05 19.26 2.13
N ASP A 258 3.63 18.97 3.34
CA ASP A 258 2.22 18.76 3.68
C ASP A 258 1.85 19.89 4.63
N GLU A 259 1.10 20.85 4.10
CA GLU A 259 0.71 22.05 4.85
C GLU A 259 -0.18 21.73 6.08
N GLU A 260 -1.04 20.73 5.94
CA GLU A 260 -1.93 20.30 7.03
C GLU A 260 -1.17 19.56 8.13
N GLY A 261 -0.33 18.60 7.74
CA GLY A 261 0.47 17.86 8.72
C GLY A 261 1.45 18.76 9.44
N ALA A 262 1.92 19.80 8.76
CA ALA A 262 2.82 20.81 9.33
C ALA A 262 2.25 21.42 10.62
N LYS A 263 0.92 21.57 10.67
CA LYS A 263 0.24 22.16 11.81
C LYS A 263 0.24 21.29 13.08
N ILE A 264 0.48 19.99 12.94
CA ILE A 264 0.55 19.09 14.10
C ILE A 264 1.96 18.55 14.38
N VAL A 265 2.97 19.02 13.67
CA VAL A 265 4.32 18.48 13.84
C VAL A 265 4.80 18.67 15.30
N LYS A 266 4.69 19.89 15.83
CA LYS A 266 5.16 20.11 17.20
C LYS A 266 4.39 19.28 18.25
N ASP A 267 3.08 19.09 18.05
CA ASP A 267 2.28 18.24 18.94
C ASP A 267 2.74 16.76 18.86
N LEU A 268 3.05 16.28 17.66
CA LEU A 268 3.52 14.88 17.52
C LEU A 268 4.88 14.73 18.23
N MET A 269 5.78 15.70 18.05
CA MET A 269 7.06 15.67 18.79
C MET A 269 6.87 15.67 20.33
N SER A 270 5.91 16.47 20.81
CA SER A 270 5.61 16.50 22.25
C SER A 270 5.11 15.15 22.73
N LYS A 271 4.22 14.52 21.96
CA LYS A 271 3.69 13.20 22.33
C LYS A 271 4.79 12.13 22.27
N ALA A 272 5.68 12.18 21.27
CA ALA A 272 6.82 11.24 21.25
C ALA A 272 7.67 11.40 22.50
N GLU A 273 7.92 12.65 22.90
CA GLU A 273 8.68 12.93 24.10
C GLU A 273 7.98 12.37 25.34
N LYS A 274 6.69 12.68 25.47
CA LYS A 274 5.84 12.15 26.55
C LYS A 274 5.84 10.61 26.65
N ASN A 275 5.92 9.93 25.50
CA ASN A 275 5.82 8.45 25.45
C ASN A 275 7.18 7.76 25.31
N GLY A 276 8.26 8.54 25.34
CA GLY A 276 9.62 8.01 25.25
C GLY A 276 9.90 7.31 23.94
N VAL A 277 9.40 7.92 22.86
CA VAL A 277 9.63 7.40 21.51
C VAL A 277 10.72 8.27 20.92
N LYS A 278 11.85 7.67 20.58
CA LYS A 278 12.97 8.39 19.96
C LYS A 278 12.74 8.54 18.46
N ILE A 279 12.78 9.79 18.01
CA ILE A 279 12.45 10.14 16.64
C ILE A 279 13.77 10.41 15.93
N THR A 280 13.99 9.69 14.83
CA THR A 280 15.18 9.85 13.99
C THR A 280 14.76 10.52 12.67
N LEU A 281 15.19 11.75 12.49
CA LEU A 281 15.01 12.50 11.26
C LEU A 281 16.33 12.51 10.50
N PRO A 282 16.28 12.56 9.17
CA PRO A 282 17.50 12.70 8.40
C PRO A 282 18.18 14.03 8.65
N VAL A 283 19.49 14.07 8.38
CA VAL A 283 20.32 15.25 8.63
C VAL A 283 21.05 15.71 7.38
N ASP A 284 21.01 14.90 6.33
CA ASP A 284 21.59 15.28 5.05
C ASP A 284 20.81 14.63 3.90
N PHE A 285 21.06 15.09 2.68
CA PHE A 285 20.25 14.79 1.49
C PHE A 285 21.06 14.74 0.20
N VAL A 286 20.58 13.91 -0.73
CA VAL A 286 20.87 14.08 -2.15
C VAL A 286 19.73 14.94 -2.75
N THR A 287 20.10 16.03 -3.40
CA THR A 287 19.16 16.95 -4.01
C THR A 287 19.11 16.77 -5.52
N ALA A 288 18.04 17.25 -6.11
CA ALA A 288 17.80 17.20 -7.55
C ALA A 288 17.22 18.55 -7.97
N ASP A 289 17.57 18.99 -9.18
CA ASP A 289 17.05 20.27 -9.74
C ASP A 289 15.64 20.14 -10.37
N LYS A 290 15.12 18.93 -10.44
CA LYS A 290 13.78 18.66 -10.93
C LYS A 290 13.45 17.21 -10.64
N PHE A 291 12.17 16.86 -10.72
CA PHE A 291 11.71 15.50 -10.46
C PHE A 291 11.91 14.63 -11.70
N ASP A 292 13.13 14.15 -11.89
CA ASP A 292 13.50 13.44 -13.10
C ASP A 292 14.66 12.50 -12.82
N GLU A 293 14.61 11.33 -13.43
CA GLU A 293 15.66 10.34 -13.27
C GLU A 293 17.04 10.93 -13.60
N ASN A 294 17.07 11.81 -14.59
CA ASN A 294 18.31 12.38 -15.09
C ASN A 294 18.54 13.82 -14.68
N ALA A 295 17.93 14.21 -13.56
CA ALA A 295 18.18 15.53 -12.96
C ALA A 295 19.65 15.76 -12.58
N LYS A 296 20.06 17.03 -12.56
CA LYS A 296 21.34 17.40 -11.95
C LYS A 296 21.20 17.20 -10.46
N THR A 297 22.28 16.77 -9.80
CA THR A 297 22.22 16.40 -8.41
C THR A 297 23.14 17.26 -7.55
N GLY A 298 22.75 17.42 -6.30
CA GLY A 298 23.56 18.09 -5.29
C GLY A 298 23.55 17.39 -3.95
N GLN A 299 24.13 18.07 -2.97
CA GLN A 299 24.24 17.60 -1.59
C GLN A 299 23.76 18.74 -0.69
N ALA A 300 23.01 18.42 0.37
CA ALA A 300 22.62 19.40 1.38
C ALA A 300 22.57 18.76 2.75
N THR A 301 22.71 19.61 3.77
CA THR A 301 22.47 19.21 5.16
C THR A 301 21.30 20.03 5.68
N VAL A 302 20.83 19.69 6.88
CA VAL A 302 19.76 20.47 7.50
C VAL A 302 20.23 21.89 7.73
N ALA A 303 21.47 22.06 8.15
CA ALA A 303 22.04 23.39 8.39
C ALA A 303 22.21 24.22 7.11
N SER A 304 22.65 23.58 6.02
CA SER A 304 22.83 24.30 4.75
C SER A 304 21.47 24.64 4.17
N GLY A 305 20.47 23.80 4.48
CA GLY A 305 19.20 23.82 3.78
C GLY A 305 19.33 23.34 2.33
N ILE A 306 18.18 23.25 1.65
CA ILE A 306 18.10 22.90 0.22
C ILE A 306 17.81 24.16 -0.60
N PRO A 307 18.64 24.41 -1.64
CA PRO A 307 18.44 25.66 -2.38
C PRO A 307 17.06 25.73 -3.04
N ALA A 308 16.62 26.96 -3.26
CA ALA A 308 15.39 27.25 -3.98
C ALA A 308 15.37 26.55 -5.34
N GLY A 309 14.27 25.88 -5.63
CA GLY A 309 14.07 25.23 -6.91
C GLY A 309 14.61 23.81 -6.97
N TRP A 310 15.19 23.34 -5.87
CA TRP A 310 15.74 21.98 -5.79
C TRP A 310 14.98 21.18 -4.75
N MET A 311 15.00 19.86 -4.90
CA MET A 311 14.26 18.95 -4.01
C MET A 311 15.13 17.83 -3.48
N GLY A 312 14.93 17.51 -2.20
CA GLY A 312 15.58 16.37 -1.59
C GLY A 312 14.86 15.08 -1.98
N LEU A 313 15.60 14.21 -2.67
CA LEU A 313 15.05 12.96 -3.16
C LEU A 313 15.71 11.71 -2.59
N ASP A 314 16.74 11.89 -1.76
CA ASP A 314 17.31 10.79 -0.95
C ASP A 314 17.91 11.44 0.31
N CYS A 315 18.11 10.64 1.34
CA CYS A 315 18.94 11.06 2.44
C CYS A 315 20.40 10.87 2.01
N GLY A 316 21.31 11.40 2.83
CA GLY A 316 22.76 11.24 2.61
C GLY A 316 23.39 10.25 3.58
N PRO A 317 24.73 10.20 3.60
CA PRO A 317 25.42 9.17 4.37
C PRO A 317 25.24 9.34 5.86
N GLU A 318 25.18 10.59 6.35
CA GLU A 318 25.10 10.83 7.81
C GLU A 318 23.73 10.40 8.32
N SER A 319 22.70 10.59 7.50
CA SER A 319 21.35 10.09 7.85
C SER A 319 21.32 8.57 7.87
N SER A 320 22.01 7.97 6.89
CA SER A 320 22.07 6.51 6.79
C SER A 320 22.71 5.91 8.02
N LYS A 321 23.75 6.56 8.54
CA LYS A 321 24.36 6.08 9.79
C LYS A 321 23.37 6.18 10.97
N LYS A 322 22.64 7.29 11.07
CA LYS A 322 21.63 7.41 12.14
C LYS A 322 20.47 6.40 12.04
N TYR A 323 19.99 6.16 10.83
CA TYR A 323 19.00 5.11 10.59
C TYR A 323 19.56 3.73 11.00
N ALA A 324 20.82 3.47 10.64
CA ALA A 324 21.45 2.20 10.95
C ALA A 324 21.55 1.99 12.45
N GLU A 325 21.85 3.06 13.18
CA GLU A 325 21.90 3.03 14.66
C GLU A 325 20.55 2.62 15.27
N ALA A 326 19.45 3.21 14.77
CA ALA A 326 18.07 2.86 15.20
C ALA A 326 17.75 1.39 14.92
N VAL A 327 18.13 0.92 13.72
CA VAL A 327 17.96 -0.48 13.35
C VAL A 327 18.75 -1.42 14.25
N THR A 328 19.98 -1.04 14.62
CA THR A 328 20.79 -1.90 15.48
C THR A 328 20.11 -2.07 16.84
N ARG A 329 19.50 -1.01 17.35
CA ARG A 329 18.75 -1.07 18.61
C ARG A 329 17.46 -1.89 18.56
N ALA A 330 16.89 -2.06 17.36
CA ALA A 330 15.57 -2.66 17.21
C ALA A 330 15.56 -4.18 17.43
N LYS A 331 14.52 -4.69 18.09
CA LYS A 331 14.22 -6.13 18.09
C LYS A 331 13.03 -6.47 17.20
N GLN A 332 12.28 -5.45 16.79
CA GLN A 332 11.20 -5.61 15.82
C GLN A 332 11.11 -4.31 15.04
N ILE A 333 10.83 -4.45 13.73
CA ILE A 333 10.72 -3.32 12.80
C ILE A 333 9.53 -3.49 11.87
N VAL A 334 8.79 -2.41 11.65
CA VAL A 334 7.81 -2.30 10.56
C VAL A 334 8.25 -1.15 9.69
N TRP A 335 8.49 -1.41 8.43
CA TRP A 335 8.99 -0.40 7.51
C TRP A 335 8.01 -0.20 6.39
N ASN A 336 7.46 1.01 6.32
CA ASN A 336 6.54 1.42 5.28
C ASN A 336 7.03 2.72 4.63
N GLY A 337 7.56 2.63 3.41
CA GLY A 337 7.90 3.80 2.61
C GLY A 337 9.40 3.91 2.38
N PRO A 338 9.83 3.91 1.11
CA PRO A 338 11.29 4.07 0.92
C PRO A 338 11.77 5.39 1.43
N VAL A 339 13.06 5.45 1.74
CA VAL A 339 13.63 6.68 2.31
C VAL A 339 14.22 7.61 1.25
N GLY A 340 14.14 7.19 -0.02
CA GLY A 340 14.38 8.07 -1.15
C GLY A 340 13.70 7.55 -2.40
N VAL A 341 13.89 8.24 -3.52
CA VAL A 341 13.29 7.83 -4.79
C VAL A 341 14.10 6.70 -5.39
N PHE A 342 13.88 5.50 -4.85
CA PHE A 342 14.76 4.36 -5.10
C PHE A 342 14.65 3.79 -6.51
N GLU A 343 13.58 4.14 -7.22
CA GLU A 343 13.40 3.74 -8.58
C GLU A 343 14.45 4.35 -9.50
N TRP A 344 15.08 5.44 -9.07
CA TRP A 344 16.08 6.14 -9.85
C TRP A 344 17.43 6.01 -9.15
N GLU A 345 18.42 5.50 -9.86
CA GLU A 345 19.68 5.14 -9.23
C GLU A 345 20.37 6.27 -8.51
N ALA A 346 20.26 7.50 -9.04
CA ALA A 346 20.89 8.65 -8.37
C ALA A 346 20.34 8.87 -6.95
N PHE A 347 19.15 8.31 -6.66
CA PHE A 347 18.46 8.55 -5.42
C PHE A 347 18.10 7.28 -4.63
N ALA A 348 18.80 6.18 -4.95
CA ALA A 348 18.54 4.84 -4.40
C ALA A 348 19.43 4.45 -3.20
N ARG A 349 20.57 5.12 -3.02
CA ARG A 349 21.57 4.71 -2.04
C ARG A 349 21.06 4.63 -0.59
N GLY A 350 20.29 5.60 -0.17
CA GLY A 350 19.75 5.61 1.19
C GLY A 350 18.88 4.40 1.47
N THR A 351 18.02 4.06 0.51
CA THR A 351 17.11 2.94 0.69
C THR A 351 17.84 1.60 0.62
N LYS A 352 18.80 1.49 -0.30
CA LYS A 352 19.64 0.29 -0.40
C LYS A 352 20.44 0.07 0.90
N ALA A 353 21.01 1.13 1.45
CA ALA A 353 21.79 1.03 2.68
C ALA A 353 20.89 0.58 3.86
N LEU A 354 19.69 1.13 3.93
CA LEU A 354 18.74 0.77 5.00
C LEU A 354 18.28 -0.67 4.87
N MET A 355 18.00 -1.06 3.62
CA MET A 355 17.71 -2.46 3.30
C MET A 355 18.84 -3.36 3.79
N ASP A 356 20.10 -3.08 3.40
CA ASP A 356 21.25 -3.87 3.90
C ASP A 356 21.20 -4.03 5.43
N GLU A 357 20.96 -2.91 6.12
CA GLU A 357 20.90 -2.91 7.59
C GLU A 357 19.72 -3.74 8.11
N VAL A 358 18.56 -3.60 7.47
CA VAL A 358 17.36 -4.38 7.86
C VAL A 358 17.55 -5.90 7.62
N VAL A 359 18.31 -6.27 6.59
CA VAL A 359 18.64 -7.69 6.32
C VAL A 359 19.56 -8.23 7.40
N LYS A 360 20.60 -7.45 7.72
CA LYS A 360 21.52 -7.79 8.80
C LYS A 360 20.80 -7.97 10.15
N ALA A 361 19.85 -7.11 10.45
CA ALA A 361 19.09 -7.21 11.69
C ALA A 361 18.32 -8.52 11.77
N THR A 362 17.65 -8.86 10.66
CA THR A 362 16.93 -10.09 10.53
C THR A 362 17.83 -11.29 10.86
N SER A 363 19.05 -11.25 10.32
CA SER A 363 19.99 -12.36 10.45
C SER A 363 20.36 -12.63 11.92
N ARG A 364 20.35 -11.59 12.74
CA ARG A 364 20.62 -11.76 14.17
C ARG A 364 19.36 -11.86 15.05
N GLY A 365 18.20 -12.10 14.45
CA GLY A 365 16.97 -12.34 15.21
C GLY A 365 15.97 -11.19 15.29
N CYS A 366 16.20 -10.08 14.60
CA CYS A 366 15.18 -9.02 14.57
C CYS A 366 13.97 -9.49 13.73
N ILE A 367 12.76 -9.17 14.20
CA ILE A 367 11.54 -9.43 13.44
C ILE A 367 11.32 -8.22 12.54
N THR A 368 11.33 -8.44 11.22
CA THR A 368 11.40 -7.35 10.24
C THR A 368 10.26 -7.52 9.25
N ILE A 369 9.42 -6.49 9.21
CA ILE A 369 8.20 -6.51 8.44
C ILE A 369 8.25 -5.33 7.52
N ILE A 370 8.22 -5.63 6.22
CA ILE A 370 8.27 -4.62 5.18
C ILE A 370 6.89 -4.55 4.53
N GLY A 371 6.33 -3.36 4.46
CA GLY A 371 4.98 -3.17 3.93
C GLY A 371 4.98 -2.12 2.86
N GLY A 372 4.03 -2.21 1.93
CA GLY A 372 3.80 -1.19 0.94
C GLY A 372 4.05 -1.72 -0.45
N GLY A 373 3.27 -1.24 -1.42
CA GLY A 373 3.48 -1.72 -2.79
C GLY A 373 4.85 -1.33 -3.30
N ASP A 374 5.31 -0.15 -2.90
CA ASP A 374 6.57 0.38 -3.40
C ASP A 374 7.74 -0.13 -2.56
N THR A 375 7.61 -0.15 -1.23
CA THR A 375 8.69 -0.67 -0.36
C THR A 375 8.89 -2.18 -0.61
N ALA A 376 7.81 -2.92 -0.88
CA ALA A 376 7.93 -4.32 -1.27
C ALA A 376 8.75 -4.48 -2.56
N THR A 377 8.69 -3.48 -3.44
CA THR A 377 9.47 -3.45 -4.68
C THR A 377 10.96 -3.24 -4.41
N CYS A 378 11.31 -2.54 -3.32
CA CYS A 378 12.67 -2.51 -2.85
C CYS A 378 13.22 -3.90 -2.63
N CYS A 379 12.45 -4.72 -1.91
CA CYS A 379 12.85 -6.10 -1.68
C CYS A 379 13.09 -6.84 -2.98
N ALA A 380 12.13 -6.75 -3.89
CA ALA A 380 12.27 -7.39 -5.19
C ALA A 380 13.52 -6.88 -5.94
N LYS A 381 13.77 -5.57 -5.90
CA LYS A 381 14.89 -4.95 -6.64
C LYS A 381 16.26 -5.45 -6.18
N TRP A 382 16.39 -5.61 -4.86
CA TRP A 382 17.66 -6.04 -4.24
C TRP A 382 17.65 -7.49 -3.75
N ASN A 383 16.59 -8.21 -4.12
CA ASN A 383 16.49 -9.62 -3.90
C ASN A 383 16.58 -9.97 -2.40
N THR A 384 15.77 -9.27 -1.61
CA THR A 384 15.75 -9.50 -0.16
C THR A 384 14.37 -9.95 0.35
N GLU A 385 13.50 -10.38 -0.55
CA GLU A 385 12.16 -10.78 -0.16
C GLU A 385 12.16 -11.92 0.85
N ASP A 386 13.12 -12.84 0.74
CA ASP A 386 13.27 -13.96 1.68
C ASP A 386 14.39 -13.75 2.70
N LYS A 387 14.86 -12.50 2.84
CA LYS A 387 15.90 -12.14 3.79
C LYS A 387 15.39 -11.18 4.90
N VAL A 388 14.08 -10.95 4.93
CA VAL A 388 13.39 -10.24 6.01
C VAL A 388 12.29 -11.20 6.51
N SER A 389 11.60 -10.87 7.61
CA SER A 389 10.62 -11.80 8.21
C SER A 389 9.30 -11.91 7.43
N HIS A 390 8.78 -10.79 6.92
CA HIS A 390 7.55 -10.77 6.18
C HIS A 390 7.53 -9.58 5.23
N VAL A 391 7.10 -9.82 3.99
CA VAL A 391 6.91 -8.74 3.03
C VAL A 391 5.39 -8.72 2.83
N SER A 392 4.79 -7.62 3.25
CA SER A 392 3.33 -7.50 3.20
C SER A 392 2.89 -6.83 1.89
N THR A 393 1.69 -7.21 1.46
CA THR A 393 1.04 -6.56 0.35
C THR A 393 0.42 -5.23 0.81
N GLY A 394 0.30 -5.00 2.11
CA GLY A 394 -0.24 -3.76 2.64
C GLY A 394 0.82 -2.78 3.09
N GLY A 395 0.58 -1.48 2.85
CA GLY A 395 1.47 -0.45 3.34
C GLY A 395 0.69 0.36 4.38
N GLY A 396 0.01 1.39 3.93
CA GLY A 396 -0.91 2.14 4.78
C GLY A 396 -1.86 1.20 5.54
N ALA A 397 -2.36 0.17 4.88
CA ALA A 397 -3.22 -0.84 5.52
C ALA A 397 -2.59 -1.49 6.76
N SER A 398 -1.32 -1.87 6.63
CA SER A 398 -0.61 -2.51 7.73
C SER A 398 -0.38 -1.55 8.90
N LEU A 399 -0.13 -0.28 8.58
CA LEU A 399 0.10 0.73 9.59
C LEU A 399 -1.17 1.00 10.39
N GLU A 400 -2.34 0.88 9.75
CA GLU A 400 -3.61 1.02 10.47
C GLU A 400 -3.87 -0.15 11.41
N LEU A 401 -3.39 -1.35 11.05
CA LEU A 401 -3.34 -2.45 12.00
C LEU A 401 -2.39 -2.19 13.19
N LEU A 402 -1.21 -1.68 12.91
CA LEU A 402 -0.27 -1.28 13.96
C LEU A 402 -0.88 -0.21 14.92
N GLU A 403 -1.67 0.72 14.38
CA GLU A 403 -2.45 1.67 15.21
C GLU A 403 -3.50 1.01 16.10
N GLY A 404 -3.83 -0.25 15.86
CA GLY A 404 -4.83 -1.00 16.61
C GLY A 404 -6.26 -0.90 16.11
N LYS A 405 -6.43 -0.48 14.85
CA LYS A 405 -7.76 -0.28 14.28
C LYS A 405 -8.24 -1.54 13.59
N VAL A 406 -9.57 -1.69 13.52
CA VAL A 406 -10.24 -2.57 12.55
C VAL A 406 -10.26 -1.89 11.17
N LEU A 407 -9.98 -2.67 10.15
CA LEU A 407 -9.95 -2.18 8.79
C LEU A 407 -11.37 -2.17 8.19
N PRO A 408 -11.80 -1.04 7.58
CA PRO A 408 -13.13 -0.96 6.99
C PRO A 408 -13.45 -2.07 6.00
N GLY A 409 -12.47 -2.53 5.22
CA GLY A 409 -12.71 -3.61 4.26
C GLY A 409 -12.91 -4.98 4.92
N VAL A 410 -12.43 -5.14 6.14
CA VAL A 410 -12.74 -6.37 6.92
C VAL A 410 -14.08 -6.20 7.68
N ASP A 411 -14.29 -5.01 8.22
CA ASP A 411 -15.52 -4.71 8.94
C ASP A 411 -16.76 -4.93 8.08
N ALA A 412 -16.65 -4.60 6.78
CA ALA A 412 -17.78 -4.74 5.83
C ALA A 412 -18.14 -6.19 5.43
N LEU A 413 -17.29 -7.17 5.77
CA LEU A 413 -17.56 -8.56 5.48
C LEU A 413 -18.72 -9.12 6.31
N SER A 414 -19.34 -10.17 5.80
CA SER A 414 -20.42 -10.86 6.50
C SER A 414 -19.91 -11.49 7.78
N ASN A 415 -20.75 -11.39 8.82
CA ASN A 415 -20.54 -12.10 10.09
C ASN A 415 -20.99 -13.53 9.89
N ILE A 416 -20.42 -14.47 10.64
CA ILE A 416 -20.84 -15.88 10.52
C ILE A 416 -22.04 -16.14 11.42
MG MG B . 2.90 3.01 -2.67
C1 3PG C . -1.60 0.95 -1.52
O1 3PG C . -0.83 1.12 -2.49
O2 3PG C . -1.18 1.08 -0.34
C2 3PG C . -3.05 0.57 -1.69
O3 3PG C . -3.36 0.01 -2.95
C3 3PG C . -3.93 1.78 -1.44
O1P 3PG C . -3.69 2.81 -2.37
P 3PG C . -4.10 4.32 -2.00
O2P 3PG C . -3.96 5.12 -3.26
O3P 3PG C . -5.53 4.28 -1.50
O4P 3PG C . -3.12 4.79 -0.94
PG ACP D . 1.58 2.53 0.33
O1G ACP D . 1.39 3.20 -1.13
O2G ACP D . 1.38 0.93 0.17
O3G ACP D . 0.57 3.05 1.35
PB ACP D . 4.54 2.47 -0.14
O1B ACP D . 5.60 1.52 0.46
O2B ACP D . 3.96 2.01 -1.43
C3B ACP D . 3.21 2.70 1.08
PA ACP D . 4.45 5.21 -0.82
O1A ACP D . 3.51 4.79 -2.04
O2A ACP D . 3.79 6.11 0.18
O3A ACP D . 5.11 3.94 -0.14
O5' ACP D . 5.78 5.98 -1.45
C5' ACP D . 6.62 5.30 -2.43
C4' ACP D . 7.27 6.39 -3.24
O4' ACP D . 7.95 7.27 -2.34
C3' ACP D . 8.33 5.84 -4.17
O3' ACP D . 7.77 5.97 -5.47
C2' ACP D . 9.52 6.83 -3.95
O2' ACP D . 10.04 7.22 -5.21
C1' ACP D . 8.81 8.00 -3.21
N9 ACP D . 9.73 8.85 -2.44
C8 ACP D . 10.60 8.46 -1.49
N7 ACP D . 11.28 9.50 -1.02
C5 ACP D . 10.87 10.59 -1.68
C6 ACP D . 11.22 11.94 -1.65
N6 ACP D . 12.15 12.42 -0.83
N1 ACP D . 10.58 12.77 -2.48
C2 ACP D . 9.61 12.36 -3.30
N3 ACP D . 9.25 11.08 -3.38
C4 ACP D . 9.89 10.18 -2.59
#